data_4DXR
#
_entry.id   4DXR
#
_cell.length_a   79.641
_cell.length_b   79.641
_cell.length_c   256.409
_cell.angle_alpha   90.00
_cell.angle_beta   90.00
_cell.angle_gamma   120.00
#
_symmetry.space_group_name_H-M   'H 3 2'
#
loop_
_entity.id
_entity.type
_entity.pdbx_description
1 polymer 'SUN domain-containing protein 2'
2 polymer Nesprin-1
3 non-polymer DECYL-BETA-D-MALTOPYRANOSIDE
4 non-polymer 'POTASSIUM ION'
5 water water
#
loop_
_entity_poly.entity_id
_entity_poly.type
_entity_poly.pdbx_seq_one_letter_code
_entity_poly.pdbx_strand_id
1 'polypeptide(L)'
;GPGGSGGVTEEQVHHIVKQALQRYSEDRIGLADYALESGGASVISTRCSETYETKTALLSLFGIPLWYHSQSPRVILQPD
VHPGNCWAFQGPQGFAVVRLSARIRPTAVTLEHVPKALSPNSTISSAPKDFAIFGFDEDLQQEGTLLGKFTYDQDGEPIQ
TFHFQAPTMATYQVVELRILTNWGHPEYTCIYRFRVHGEPAH
;
A
2 'polypeptide(L)' GPGGSGEEDYSCALSNNFARSFHPMLRYTNGPPPL B
#
loop_
_chem_comp.id
_chem_comp.type
_chem_comp.name
_chem_comp.formula
DMU D-saccharide DECYL-BETA-D-MALTOPYRANOSIDE 'C22 H42 O11'
K non-polymer 'POTASSIUM ION' 'K 1'
#
# COMPACT_ATOMS: atom_id res chain seq x y z
N GLY A 7 -27.94 28.72 -9.91
CA GLY A 7 -29.04 27.96 -9.24
C GLY A 7 -29.20 26.52 -9.72
N VAL A 8 -29.00 25.58 -8.81
CA VAL A 8 -29.07 24.16 -9.08
C VAL A 8 -30.38 23.64 -8.47
N THR A 9 -31.03 22.69 -9.14
CA THR A 9 -32.25 22.11 -8.58
C THR A 9 -31.88 20.96 -7.62
N GLU A 10 -32.81 20.62 -6.73
CA GLU A 10 -32.72 19.47 -5.86
C GLU A 10 -32.36 18.20 -6.68
N GLU A 11 -32.98 18.07 -7.83
CA GLU A 11 -32.79 16.95 -8.69
C GLU A 11 -31.37 16.87 -9.22
N GLN A 12 -30.79 18.01 -9.57
CA GLN A 12 -29.42 17.99 -10.01
C GLN A 12 -28.48 17.62 -8.85
N VAL A 13 -28.82 18.02 -7.65
CA VAL A 13 -27.95 17.74 -6.51
C VAL A 13 -27.90 16.24 -6.33
N HIS A 14 -29.09 15.60 -6.38
CA HIS A 14 -29.21 14.18 -6.24
C HIS A 14 -28.34 13.45 -7.20
N HIS A 15 -28.33 13.92 -8.42
CA HIS A 15 -27.61 13.25 -9.50
C HIS A 15 -26.11 13.39 -9.31
N ILE A 16 -25.68 14.59 -8.91
CA ILE A 16 -24.27 14.84 -8.64
C ILE A 16 -23.81 13.94 -7.51
N VAL A 17 -24.62 13.83 -6.44
CA VAL A 17 -24.30 12.97 -5.28
C VAL A 17 -24.22 11.50 -5.70
N LYS A 18 -25.20 11.10 -6.52
CA LYS A 18 -25.27 9.73 -7.03
C LYS A 18 -23.97 9.35 -7.78
N GLN A 19 -23.57 10.25 -8.68
CA GLN A 19 -22.35 10.03 -9.47
C GLN A 19 -21.11 10.00 -8.56
N ALA A 20 -21.07 10.88 -7.55
CA ALA A 20 -19.87 10.89 -6.73
C ALA A 20 -19.77 9.63 -5.90
N LEU A 21 -20.90 9.07 -5.49
CA LEU A 21 -20.90 7.87 -4.62
C LEU A 21 -20.59 6.66 -5.48
N GLN A 22 -21.05 6.69 -6.75
CA GLN A 22 -20.77 5.56 -7.60
CA GLN A 22 -20.79 5.65 -7.72
C GLN A 22 -19.26 5.57 -7.89
N ARG A 23 -18.65 6.73 -8.15
CA ARG A 23 -17.21 6.83 -8.29
C ARG A 23 -16.48 6.36 -6.99
N TYR A 24 -16.99 6.81 -5.84
CA TYR A 24 -16.43 6.41 -4.56
C TYR A 24 -16.43 4.91 -4.47
N SER A 25 -17.56 4.26 -4.87
CA SER A 25 -17.64 2.83 -4.70
C SER A 25 -16.76 2.03 -5.70
N GLU A 26 -16.40 2.64 -6.80
CA GLU A 26 -15.52 1.99 -7.77
C GLU A 26 -14.02 2.11 -7.36
N ASP A 27 -13.65 1.53 -6.21
CA ASP A 27 -12.26 1.62 -5.70
C ASP A 27 -11.76 3.08 -5.72
N ARG A 28 -12.68 4.03 -5.40
CA ARG A 28 -12.42 5.45 -5.23
C ARG A 28 -12.08 6.22 -6.47
N ILE A 29 -11.42 5.62 -7.45
CA ILE A 29 -10.88 6.47 -8.51
C ILE A 29 -11.39 5.96 -9.86
N GLY A 30 -12.18 4.87 -9.88
CA GLY A 30 -12.74 4.38 -11.09
C GLY A 30 -11.78 3.79 -12.12
N LEU A 31 -10.64 3.22 -11.72
CA LEU A 31 -9.70 2.68 -12.70
C LEU A 31 -9.38 1.25 -12.32
N ALA A 32 -9.37 0.35 -13.27
CA ALA A 32 -9.10 -1.03 -12.92
C ALA A 32 -7.70 -1.11 -12.45
N ASP A 33 -7.48 -1.94 -11.44
CA ASP A 33 -6.14 -2.08 -10.87
C ASP A 33 -5.46 -3.43 -11.19
N TYR A 34 -4.39 -3.38 -11.98
CA TYR A 34 -3.84 -4.63 -12.54
C TYR A 34 -2.87 -5.21 -11.58
N ALA A 35 -2.61 -4.43 -10.53
CA ALA A 35 -1.80 -4.91 -9.44
C ALA A 35 -2.63 -5.39 -8.19
N LEU A 36 -3.94 -5.48 -8.30
CA LEU A 36 -4.72 -5.92 -7.14
C LEU A 36 -4.53 -7.46 -6.92
N GLU A 37 -4.06 -7.88 -5.75
CA GLU A 37 -3.82 -9.32 -5.51
C GLU A 37 -5.02 -10.19 -5.83
N SER A 38 -6.21 -9.83 -5.35
CA SER A 38 -7.35 -10.76 -5.55
C SER A 38 -7.74 -10.88 -7.00
N GLY A 39 -7.33 -9.90 -7.81
CA GLY A 39 -7.62 -9.89 -9.24
C GLY A 39 -6.59 -10.73 -10.02
N GLY A 40 -5.56 -11.26 -9.35
CA GLY A 40 -4.54 -12.09 -10.03
C GLY A 40 -3.09 -11.55 -10.08
N ALA A 41 -2.74 -10.57 -9.22
CA ALA A 41 -1.41 -9.99 -9.22
C ALA A 41 -0.69 -10.41 -7.99
N SER A 42 0.66 -10.40 -8.02
CA SER A 42 1.37 -10.67 -6.76
C SER A 42 2.69 -10.03 -6.70
N VAL A 43 3.15 -9.85 -5.48
CA VAL A 43 4.51 -9.42 -5.18
C VAL A 43 5.40 -10.67 -5.40
N ILE A 44 6.35 -10.58 -6.34
CA ILE A 44 7.23 -11.72 -6.62
C ILE A 44 8.64 -11.54 -6.05
N SER A 45 9.01 -10.32 -5.68
CA SER A 45 10.30 -10.14 -5.09
C SER A 45 10.36 -8.82 -4.42
N THR A 46 11.20 -8.73 -3.39
CA THR A 46 11.48 -7.46 -2.79
C THR A 46 12.93 -7.07 -2.91
N ARG A 47 13.68 -7.76 -3.78
CA ARG A 47 15.14 -7.55 -3.88
C ARG A 47 15.72 -7.68 -2.50
N CYS A 48 16.54 -6.69 -2.15
CA CYS A 48 17.23 -6.64 -0.85
C CYS A 48 16.53 -5.76 0.20
N SER A 49 15.30 -5.34 -0.07
CA SER A 49 14.48 -4.67 0.94
C SER A 49 14.53 -5.44 2.25
N GLU A 50 14.83 -4.72 3.31
CA GLU A 50 14.91 -5.34 4.61
C GLU A 50 13.61 -4.98 5.33
N THR A 51 12.77 -5.97 5.60
CA THR A 51 11.56 -5.67 6.36
C THR A 51 12.03 -5.04 7.64
N TYR A 52 11.30 -4.04 8.12
CA TYR A 52 11.62 -3.42 9.39
C TYR A 52 10.88 -4.22 10.46
N GLU A 53 11.57 -5.15 11.12
CA GLU A 53 10.93 -5.94 12.18
C GLU A 53 11.17 -5.38 13.59
N THR A 54 10.09 -5.20 14.33
CA THR A 54 10.15 -4.50 15.62
C THR A 54 10.06 -5.48 16.78
N LYS A 55 9.67 -6.72 16.49
CA LYS A 55 9.31 -7.69 17.52
C LYS A 55 8.40 -7.05 18.59
N THR A 56 7.22 -6.64 18.14
CA THR A 56 6.29 -5.97 19.03
C THR A 56 4.92 -6.62 19.07
N ALA A 57 4.32 -6.94 17.92
CA ALA A 57 2.98 -7.56 17.91
C ALA A 57 2.97 -9.06 18.23
N LEU A 58 2.77 -9.38 19.49
CA LEU A 58 2.93 -10.73 19.99
C LEU A 58 1.59 -11.42 20.14
N LEU A 59 1.41 -12.51 19.44
CA LEU A 59 0.22 -13.33 19.63
C LEU A 59 0.50 -14.36 20.74
N SER A 60 -0.47 -14.56 21.64
CA SER A 60 -0.34 -15.54 22.72
C SER A 60 -1.69 -16.19 23.10
N LEU A 61 -1.59 -17.34 23.79
CA LEU A 61 -2.70 -18.11 24.34
C LEU A 61 -2.33 -18.59 25.76
N PHE A 62 -3.30 -18.54 26.67
CA PHE A 62 -3.06 -18.81 28.10
C PHE A 62 -1.74 -18.24 28.62
N GLY A 63 -1.37 -17.08 28.10
CA GLY A 63 -0.12 -16.41 28.47
C GLY A 63 1.11 -16.90 27.73
N ILE A 64 0.97 -17.96 26.93
CA ILE A 64 2.11 -18.51 26.20
C ILE A 64 2.43 -17.68 24.94
N PRO A 65 3.61 -17.02 24.93
CA PRO A 65 4.07 -16.35 23.70
C PRO A 65 4.06 -17.36 22.55
N LEU A 66 3.37 -17.04 21.44
CA LEU A 66 3.24 -17.92 20.26
C LEU A 66 3.98 -17.45 19.03
N TRP A 67 3.99 -16.13 18.77
CA TRP A 67 4.22 -15.61 17.39
C TRP A 67 4.22 -14.12 17.37
N TYR A 68 5.18 -13.52 16.67
CA TYR A 68 5.22 -12.09 16.44
C TYR A 68 4.63 -11.78 15.08
N HIS A 69 3.57 -10.97 15.03
CA HIS A 69 2.98 -10.68 13.74
C HIS A 69 3.70 -9.51 13.14
N SER A 70 3.95 -9.57 11.84
CA SER A 70 4.36 -8.39 11.08
C SER A 70 3.71 -8.36 9.66
N GLN A 71 3.69 -7.20 9.03
CA GLN A 71 3.01 -7.05 7.74
C GLN A 71 3.89 -7.57 6.62
N SER A 72 3.35 -8.48 5.84
CA SER A 72 3.93 -9.00 4.60
C SER A 72 3.98 -7.92 3.50
N PRO A 73 4.95 -8.01 2.59
CA PRO A 73 4.98 -7.16 1.39
C PRO A 73 3.66 -7.27 0.65
N ARG A 74 3.01 -8.43 0.75
CA ARG A 74 1.77 -8.63 0.02
C ARG A 74 0.74 -7.54 0.34
N VAL A 75 0.85 -6.91 1.51
CA VAL A 75 -0.23 -6.06 1.87
C VAL A 75 -0.28 -4.87 0.93
N ILE A 76 0.77 -4.55 0.20
CA ILE A 76 0.68 -3.32 -0.63
C ILE A 76 -0.25 -3.56 -1.80
N LEU A 77 -0.75 -4.78 -2.00
CA LEU A 77 -1.67 -5.06 -3.11
C LEU A 77 -3.02 -5.45 -2.57
N GLN A 78 -3.27 -5.09 -1.31
CA GLN A 78 -4.48 -5.47 -0.56
C GLN A 78 -5.25 -4.16 -0.23
N PRO A 79 -6.56 -4.17 -0.33
CA PRO A 79 -7.29 -2.88 -0.22
C PRO A 79 -7.42 -2.24 1.16
N ASP A 80 -7.37 -3.07 2.19
CA ASP A 80 -7.47 -2.55 3.59
C ASP A 80 -6.28 -1.64 3.95
N VAL A 81 -6.55 -0.36 4.21
CA VAL A 81 -5.51 0.60 4.45
C VAL A 81 -5.72 1.36 5.75
N HIS A 82 -6.36 0.73 6.72
CA HIS A 82 -6.37 1.29 8.07
C HIS A 82 -4.93 1.47 8.57
N PRO A 83 -4.71 2.49 9.41
CA PRO A 83 -3.35 2.78 10.02
C PRO A 83 -2.67 1.49 10.45
N GLY A 84 -1.42 1.29 9.97
CA GLY A 84 -0.59 0.17 10.39
C GLY A 84 -0.71 -0.97 9.41
N ASN A 85 -1.64 -0.85 8.48
CA ASN A 85 -1.81 -1.95 7.53
C ASN A 85 -0.98 -1.68 6.29
N CYS A 86 0.33 -1.55 6.47
CA CYS A 86 1.26 -1.14 5.42
C CYS A 86 2.52 -2.05 5.53
N TRP A 87 3.21 -2.22 4.42
CA TRP A 87 4.48 -2.91 4.44
C TRP A 87 5.53 -1.92 4.83
N ALA A 88 6.25 -2.22 5.91
CA ALA A 88 7.37 -1.34 6.33
C ALA A 88 8.76 -1.93 6.06
N PHE A 89 9.59 -1.17 5.38
CA PHE A 89 10.96 -1.54 5.19
C PHE A 89 11.90 -0.53 5.89
N GLN A 90 13.09 -1.01 6.27
CA GLN A 90 14.17 -0.20 6.88
C GLN A 90 14.84 0.70 5.88
N GLY A 91 15.06 1.95 6.26
CA GLY A 91 15.65 2.92 5.34
C GLY A 91 14.59 3.66 4.51
N PRO A 92 15.02 4.59 3.62
CA PRO A 92 14.09 5.20 2.67
C PRO A 92 14.28 4.62 1.26
N GLN A 93 15.01 3.52 1.12
CA GLN A 93 15.22 2.89 -0.17
C GLN A 93 14.59 1.48 -0.21
N GLY A 94 13.57 1.21 -1.03
CA GLY A 94 12.95 -0.12 -0.97
C GLY A 94 12.46 -0.54 -2.33
N PHE A 95 12.12 -1.82 -2.50
CA PHE A 95 11.71 -2.30 -3.80
C PHE A 95 10.61 -3.30 -3.67
N ALA A 96 9.67 -3.25 -4.61
CA ALA A 96 8.74 -4.34 -4.75
C ALA A 96 8.44 -4.68 -6.20
N VAL A 97 8.69 -5.93 -6.57
CA VAL A 97 8.42 -6.33 -7.96
C VAL A 97 7.07 -7.02 -8.00
N VAL A 98 6.20 -6.60 -8.92
CA VAL A 98 4.86 -7.09 -8.95
C VAL A 98 4.63 -7.72 -10.28
N ARG A 99 4.15 -8.97 -10.32
CA ARG A 99 3.64 -9.52 -11.54
C ARG A 99 2.16 -9.13 -11.68
N LEU A 100 1.82 -8.26 -12.62
CA LEU A 100 0.44 -7.83 -12.85
C LEU A 100 -0.43 -9.03 -13.20
N SER A 101 -1.73 -8.82 -13.15
CA SER A 101 -2.67 -9.89 -13.36
C SER A 101 -2.90 -10.10 -14.83
N ALA A 102 -2.53 -9.14 -15.67
CA ALA A 102 -2.63 -9.33 -17.12
C ALA A 102 -1.47 -8.52 -17.70
N ARG A 103 -1.05 -8.84 -18.93
CA ARG A 103 0.02 -8.07 -19.55
C ARG A 103 -0.66 -6.79 -20.06
N ILE A 104 -0.11 -5.61 -19.75
CA ILE A 104 -0.85 -4.41 -20.23
C ILE A 104 0.16 -3.39 -20.76
N ARG A 105 -0.33 -2.40 -21.47
CA ARG A 105 0.48 -1.20 -21.58
C ARG A 105 0.24 -0.27 -20.36
N PRO A 106 1.20 -0.12 -19.44
CA PRO A 106 0.90 0.75 -18.28
C PRO A 106 0.78 2.23 -18.60
N THR A 107 -0.29 2.88 -18.13
CA THR A 107 -0.50 4.33 -18.27
C THR A 107 -0.44 5.22 -17.02
N ALA A 108 -0.57 4.62 -15.84
CA ALA A 108 -0.61 5.35 -14.59
C ALA A 108 -0.39 4.33 -13.47
N VAL A 109 0.06 4.80 -12.35
CA VAL A 109 0.05 4.04 -11.15
C VAL A 109 -0.65 4.91 -10.09
N THR A 110 -0.97 4.32 -8.95
CA THR A 110 -1.54 5.07 -7.86
C THR A 110 -0.82 4.60 -6.61
N LEU A 111 -0.61 5.52 -5.69
CA LEU A 111 -0.01 5.18 -4.49
C LEU A 111 -0.87 5.87 -3.44
N GLU A 112 -1.17 5.22 -2.33
CA GLU A 112 -1.81 5.96 -1.21
C GLU A 112 -1.11 5.75 0.10
N HIS A 113 -1.47 6.60 1.05
CA HIS A 113 -0.93 6.48 2.38
C HIS A 113 -2.06 6.76 3.34
N VAL A 114 -1.90 6.44 4.62
CA VAL A 114 -2.93 6.81 5.62
C VAL A 114 -3.15 8.33 5.67
N PRO A 115 -4.37 8.83 5.85
CA PRO A 115 -4.41 10.30 5.90
C PRO A 115 -3.77 10.90 7.14
N LYS A 116 -3.28 12.15 7.04
CA LYS A 116 -2.71 12.88 8.23
C LYS A 116 -3.68 12.89 9.37
N ALA A 117 -4.97 13.11 9.07
CA ALA A 117 -5.92 13.20 10.19
C ALA A 117 -5.98 11.94 11.06
N LEU A 118 -5.48 10.79 10.56
CA LEU A 118 -5.64 9.52 11.28
C LEU A 118 -4.31 9.02 11.85
N SER A 119 -3.26 9.73 11.49
CA SER A 119 -1.91 9.47 11.89
C SER A 119 -1.55 10.24 13.23
N PRO A 120 -0.71 9.68 14.09
CA PRO A 120 -0.51 10.50 15.36
C PRO A 120 0.32 11.77 15.10
N ASN A 121 0.06 12.83 15.84
CA ASN A 121 0.69 14.17 15.58
C ASN A 121 0.28 14.78 14.26
N SER A 122 -0.63 14.10 13.56
CA SER A 122 -1.04 14.48 12.21
C SER A 122 0.11 14.66 11.23
N THR A 123 1.09 13.78 11.29
CA THR A 123 2.17 13.83 10.28
C THR A 123 2.39 12.43 9.73
N ILE A 124 2.96 12.33 8.54
CA ILE A 124 3.19 11.06 7.87
C ILE A 124 4.62 10.97 7.28
N SER A 125 5.62 11.10 8.12
CA SER A 125 7.02 11.14 7.69
C SER A 125 7.45 9.77 7.21
N SER A 126 6.77 8.68 7.64
CA SER A 126 7.06 7.36 7.09
C SER A 126 6.53 7.11 5.66
N ALA A 127 5.84 8.06 5.07
CA ALA A 127 5.31 7.92 3.71
C ALA A 127 6.41 7.96 2.64
N PRO A 128 6.20 7.24 1.53
CA PRO A 128 7.21 7.35 0.48
C PRO A 128 7.19 8.73 -0.07
N LYS A 129 8.33 9.20 -0.62
CA LYS A 129 8.41 10.53 -1.20
C LYS A 129 8.70 10.34 -2.66
N ASP A 130 9.97 10.20 -3.04
CA ASP A 130 10.28 10.05 -4.48
C ASP A 130 10.25 8.59 -4.80
N PHE A 131 9.77 8.24 -5.99
CA PHE A 131 9.80 6.85 -6.30
C PHE A 131 9.82 6.73 -7.78
N ALA A 132 10.09 5.52 -8.26
CA ALA A 132 10.07 5.30 -9.69
C ALA A 132 9.47 3.95 -10.03
N ILE A 133 8.94 3.86 -11.23
CA ILE A 133 8.39 2.65 -11.78
C ILE A 133 9.20 2.15 -13.02
N PHE A 134 9.53 0.85 -13.01
CA PHE A 134 10.26 0.13 -14.04
C PHE A 134 9.41 -1.01 -14.59
N GLY A 135 9.53 -1.23 -15.89
CA GLY A 135 8.87 -2.35 -16.56
C GLY A 135 9.89 -3.44 -16.95
N PHE A 136 9.51 -4.71 -16.80
CA PHE A 136 10.34 -5.81 -17.21
C PHE A 136 9.66 -6.60 -18.34
N ASP A 137 10.16 -6.48 -19.57
CA ASP A 137 9.56 -7.12 -20.79
C ASP A 137 9.32 -8.65 -20.67
N GLU A 138 10.11 -9.34 -19.82
CA GLU A 138 9.94 -10.79 -19.57
C GLU A 138 10.21 -11.23 -18.12
N ASP A 139 11.41 -11.76 -17.84
CA ASP A 139 11.82 -12.10 -16.46
C ASP A 139 12.02 -10.80 -15.66
N LEU A 140 12.49 -10.93 -14.42
CA LEU A 140 12.78 -9.77 -13.56
C LEU A 140 14.29 -9.52 -13.39
N GLN A 141 15.11 -10.19 -14.19
CA GLN A 141 16.57 -10.11 -14.03
C GLN A 141 17.26 -9.29 -15.10
N GLN A 142 16.63 -9.22 -16.26
CA GLN A 142 17.02 -8.33 -17.36
C GLN A 142 16.95 -6.90 -16.83
N GLU A 143 17.35 -5.93 -17.65
CA GLU A 143 17.46 -4.55 -17.20
C GLU A 143 16.11 -3.86 -17.31
N GLY A 144 15.65 -3.29 -16.20
CA GLY A 144 14.34 -2.64 -16.18
C GLY A 144 14.29 -1.45 -17.10
N THR A 145 13.15 -1.22 -17.71
CA THR A 145 12.93 0.04 -18.39
C THR A 145 12.13 1.04 -17.54
N LEU A 146 12.74 2.18 -17.29
CA LEU A 146 12.08 3.22 -16.59
C LEU A 146 10.82 3.68 -17.31
N LEU A 147 9.70 3.59 -16.60
CA LEU A 147 8.42 4.16 -17.08
C LEU A 147 8.11 5.51 -16.40
N GLY A 148 8.59 5.77 -15.19
CA GLY A 148 8.34 7.12 -14.72
C GLY A 148 8.94 7.32 -13.37
N LYS A 149 9.13 8.59 -13.01
CA LYS A 149 9.69 8.99 -11.74
C LYS A 149 8.65 9.94 -11.23
N PHE A 150 8.37 9.90 -9.94
CA PHE A 150 7.29 10.74 -9.40
C PHE A 150 7.60 10.99 -7.96
N THR A 151 6.85 11.90 -7.35
CA THR A 151 6.99 12.19 -5.95
C THR A 151 5.63 12.15 -5.24
N TYR A 152 5.52 11.36 -4.18
CA TYR A 152 4.24 11.32 -3.45
C TYR A 152 4.18 12.52 -2.54
N ASP A 153 3.14 13.30 -2.69
CA ASP A 153 3.07 14.58 -2.01
C ASP A 153 2.40 14.48 -0.67
N GLN A 154 3.15 14.73 0.42
CA GLN A 154 2.66 14.59 1.80
C GLN A 154 1.55 15.58 2.18
N ASP A 155 1.44 16.67 1.43
CA ASP A 155 0.39 17.65 1.62
C ASP A 155 -0.78 17.49 0.65
N GLY A 156 -0.73 16.52 -0.26
CA GLY A 156 -1.88 16.22 -1.16
C GLY A 156 -2.94 15.28 -0.58
N GLU A 157 -3.80 14.70 -1.42
CA GLU A 157 -4.82 13.75 -0.94
C GLU A 157 -4.13 12.45 -0.53
N PRO A 158 -4.80 11.63 0.29
CA PRO A 158 -4.05 10.40 0.69
C PRO A 158 -3.84 9.48 -0.50
N ILE A 159 -4.75 9.52 -1.45
CA ILE A 159 -4.66 8.69 -2.66
C ILE A 159 -4.23 9.57 -3.79
N GLN A 160 -3.15 9.22 -4.48
CA GLN A 160 -2.65 10.07 -5.56
C GLN A 160 -2.36 9.25 -6.79
N THR A 161 -2.84 9.72 -7.95
CA THR A 161 -2.66 8.99 -9.17
C THR A 161 -1.67 9.72 -10.03
N PHE A 162 -0.90 8.99 -10.81
CA PHE A 162 0.28 9.51 -11.48
C PHE A 162 0.28 8.99 -12.88
N HIS A 163 -0.03 9.87 -13.83
CA HIS A 163 -0.14 9.46 -15.21
C HIS A 163 1.26 9.56 -15.78
N PHE A 164 1.68 8.57 -16.57
CA PHE A 164 3.00 8.68 -17.19
C PHE A 164 2.93 9.76 -18.25
N GLN A 165 3.92 10.62 -18.34
CA GLN A 165 3.93 11.53 -19.51
C GLN A 165 4.57 10.75 -20.67
N ALA A 166 3.97 10.85 -21.84
CA ALA A 166 4.51 10.14 -23.00
C ALA A 166 4.92 8.69 -22.67
N PRO A 167 3.99 7.88 -22.14
CA PRO A 167 4.30 6.45 -22.04
C PRO A 167 4.48 5.84 -23.44
N THR A 168 5.40 4.88 -23.59
CA THR A 168 5.58 4.19 -24.88
C THR A 168 4.40 3.26 -25.13
N MET A 169 4.48 2.44 -26.18
CA MET A 169 3.42 1.48 -26.48
C MET A 169 3.82 0.10 -25.99
N ALA A 170 4.99 0.00 -25.33
CA ALA A 170 5.44 -1.29 -24.84
C ALA A 170 4.44 -1.82 -23.78
N THR A 171 4.27 -3.15 -23.72
CA THR A 171 3.42 -3.78 -22.74
C THR A 171 4.26 -4.59 -21.77
N TYR A 172 3.79 -4.75 -20.53
CA TYR A 172 4.50 -5.45 -19.49
C TYR A 172 3.60 -6.23 -18.57
N GLN A 173 4.13 -7.30 -18.00
CA GLN A 173 3.36 -8.00 -16.96
C GLN A 173 4.15 -7.97 -15.67
N VAL A 174 5.37 -7.47 -15.69
CA VAL A 174 6.14 -7.36 -14.48
C VAL A 174 6.57 -5.89 -14.27
N VAL A 175 6.24 -5.30 -13.12
CA VAL A 175 6.67 -3.94 -12.91
C VAL A 175 7.29 -3.90 -11.55
N GLU A 176 8.10 -2.88 -11.32
CA GLU A 176 8.76 -2.74 -10.04
C GLU A 176 8.54 -1.32 -9.54
N LEU A 177 8.10 -1.21 -8.30
CA LEU A 177 7.99 0.01 -7.62
C LEU A 177 9.30 0.18 -6.83
N ARG A 178 10.06 1.23 -7.11
CA ARG A 178 11.26 1.58 -6.32
C ARG A 178 11.03 2.85 -5.53
N ILE A 179 11.18 2.76 -4.20
CA ILE A 179 11.05 3.94 -3.32
C ILE A 179 12.47 4.45 -3.06
N LEU A 180 12.69 5.73 -3.35
CA LEU A 180 14.04 6.38 -3.27
C LEU A 180 14.22 7.14 -1.97
N THR A 181 13.21 7.91 -1.59
CA THR A 181 13.27 8.64 -0.36
C THR A 181 11.93 8.57 0.32
N ASN A 182 11.91 8.98 1.58
CA ASN A 182 10.68 9.08 2.32
C ASN A 182 10.48 10.52 2.82
N TRP A 183 9.60 10.71 3.77
CA TRP A 183 9.26 12.03 4.14
C TRP A 183 9.87 12.36 5.49
N GLY A 184 10.98 11.69 5.84
CA GLY A 184 11.78 12.11 6.98
C GLY A 184 11.84 11.09 8.10
N HIS A 185 11.07 10.00 7.99
CA HIS A 185 11.06 9.13 9.13
C HIS A 185 12.39 8.44 9.23
N PRO A 186 13.02 8.47 10.41
CA PRO A 186 14.38 7.92 10.59
C PRO A 186 14.51 6.41 10.62
N GLU A 187 13.47 5.66 10.95
CA GLU A 187 13.69 4.20 10.91
C GLU A 187 13.09 3.42 9.76
N TYR A 188 12.01 3.91 9.13
CA TYR A 188 11.38 3.08 8.11
C TYR A 188 10.53 3.84 7.15
N THR A 189 10.08 3.11 6.14
CA THR A 189 9.15 3.65 5.18
C THR A 189 7.94 2.70 5.14
N CYS A 190 6.74 3.21 5.22
N CYS A 190 6.74 3.27 5.24
CA CYS A 190 5.60 2.31 5.20
CA CYS A 190 5.45 2.53 5.14
C CYS A 190 4.71 2.57 3.99
C CYS A 190 4.84 2.68 3.78
N ILE A 191 4.56 1.55 3.15
CA ILE A 191 3.76 1.56 1.91
C ILE A 191 2.38 0.94 2.18
N TYR A 192 1.33 1.76 2.08
CA TYR A 192 -0.09 1.32 2.23
C TYR A 192 -0.63 0.58 1.01
N ARG A 193 -0.70 1.22 -0.14
CA ARG A 193 -1.22 0.48 -1.27
C ARG A 193 -0.64 1.03 -2.56
N PHE A 194 -0.36 0.14 -3.49
CA PHE A 194 0.20 0.50 -4.82
C PHE A 194 -0.67 -0.11 -5.86
N ARG A 195 -1.08 0.69 -6.83
CA ARG A 195 -1.98 0.17 -7.87
C ARG A 195 -1.34 0.47 -9.23
N VAL A 196 -1.68 -0.32 -10.26
CA VAL A 196 -1.15 -0.06 -11.59
C VAL A 196 -2.31 -0.15 -12.59
N HIS A 197 -2.42 0.87 -13.46
CA HIS A 197 -3.51 0.99 -14.43
C HIS A 197 -3.00 1.02 -15.87
N GLY A 198 -3.84 0.66 -16.83
CA GLY A 198 -3.36 0.64 -18.18
C GLY A 198 -4.28 -0.05 -19.13
N GLU A 199 -3.74 -0.47 -20.27
CA GLU A 199 -4.64 -0.94 -21.34
C GLU A 199 -4.18 -2.33 -21.67
N PRO A 200 -5.10 -3.27 -21.58
CA PRO A 200 -4.85 -4.68 -21.92
C PRO A 200 -4.68 -4.92 -23.48
N ALA A 201 -4.06 -6.04 -23.84
CA ALA A 201 -3.86 -6.49 -25.24
C ALA A 201 -5.20 -6.43 -25.96
N HIS A 202 -5.25 -5.61 -27.01
CA HIS A 202 -6.43 -5.53 -27.86
C HIS A 202 -6.03 -5.60 -29.31
N SER B 11 -11.40 -9.00 43.21
CA SER B 11 -12.12 -10.24 42.78
C SER B 11 -12.61 -10.09 41.33
N CYS B 12 -13.43 -9.06 41.06
CA CYS B 12 -13.72 -8.66 39.68
C CYS B 12 -12.45 -8.08 39.04
N ALA B 13 -11.91 -7.03 39.68
CA ALA B 13 -10.68 -6.38 39.24
C ALA B 13 -9.52 -7.36 39.01
N LEU B 14 -9.40 -8.38 39.88
CA LEU B 14 -8.35 -9.42 39.74
C LEU B 14 -8.58 -10.41 38.56
N SER B 15 -9.81 -10.50 38.05
CA SER B 15 -10.11 -11.42 36.98
C SER B 15 -9.58 -10.91 35.63
N ASN B 16 -9.46 -11.85 34.69
CA ASN B 16 -9.21 -11.57 33.28
C ASN B 16 -9.63 -12.81 32.48
N ASN B 17 -10.92 -12.95 32.24
CA ASN B 17 -11.40 -14.10 31.49
C ASN B 17 -10.82 -14.22 30.06
N PHE B 18 -10.50 -13.07 29.45
CA PHE B 18 -9.90 -13.02 28.12
C PHE B 18 -8.59 -13.87 28.18
N ALA B 19 -7.79 -13.63 29.22
CA ALA B 19 -6.52 -14.37 29.51
C ALA B 19 -6.67 -15.89 29.60
N ARG B 20 -7.83 -16.37 30.07
CA ARG B 20 -8.11 -17.82 30.16
C ARG B 20 -9.02 -18.37 29.01
N SER B 21 -8.90 -17.89 27.78
CA SER B 21 -9.83 -18.38 26.72
C SER B 21 -9.08 -18.97 25.51
N PHE B 22 -9.82 -19.44 24.50
CA PHE B 22 -9.24 -19.93 23.25
C PHE B 22 -9.16 -18.85 22.18
N HIS B 23 -9.31 -17.60 22.61
CA HIS B 23 -9.15 -16.41 21.76
C HIS B 23 -7.75 -15.91 21.88
N PRO B 24 -6.92 -16.07 20.81
CA PRO B 24 -5.55 -15.54 20.91
C PRO B 24 -5.48 -14.05 21.33
N MET B 25 -4.62 -13.75 22.29
CA MET B 25 -4.47 -12.38 22.74
C MET B 25 -3.35 -11.69 21.95
N LEU B 26 -3.50 -10.38 21.70
CA LEU B 26 -2.46 -9.66 21.01
C LEU B 26 -2.03 -8.58 21.96
N ARG B 27 -0.72 -8.32 22.03
CA ARG B 27 -0.16 -7.30 22.94
C ARG B 27 1.01 -6.67 22.23
N TYR B 28 1.19 -5.35 22.40
CA TYR B 28 2.30 -4.66 21.76
C TYR B 28 3.43 -4.54 22.85
N THR B 29 4.37 -5.48 22.82
CA THR B 29 5.39 -5.63 23.88
C THR B 29 6.52 -4.62 23.74
N ASN B 30 6.81 -4.20 22.50
CA ASN B 30 7.96 -3.34 22.18
C ASN B 30 7.60 -2.06 21.35
N GLY B 31 6.67 -1.25 21.86
CA GLY B 31 6.31 -0.02 21.16
C GLY B 31 5.35 -0.23 19.98
N PRO B 32 4.91 0.88 19.35
CA PRO B 32 3.95 0.78 18.23
C PRO B 32 4.48 -0.01 17.02
N PRO B 33 3.58 -0.65 16.25
CA PRO B 33 4.02 -1.18 14.95
C PRO B 33 4.34 -0.03 13.97
N PRO B 34 4.98 -0.36 12.86
CA PRO B 34 5.16 0.75 11.90
C PRO B 34 3.83 1.25 11.36
N LEU B 35 3.70 2.53 11.08
CA LEU B 35 2.52 2.99 10.41
C LEU B 35 2.74 4.25 9.62
C1 DMU C . -3.51 -13.45 10.81
C2 DMU C . -3.81 -12.03 10.61
C3 DMU C . -3.77 -11.26 11.84
C4 DMU C . -2.59 -11.57 12.75
O5 DMU C . -2.51 -13.02 12.94
C6 DMU C . -2.26 -13.67 11.69
O7 DMU C . -3.64 -9.85 11.49
O16 DMU C . -1.86 -15.00 11.92
C18 DMU C . -0.51 -15.31 12.30
C19 DMU C . -0.11 -16.74 12.57
O49 DMU C . -3.39 -14.09 9.60
O55 DMU C . -5.17 -11.91 10.19
C57 DMU C . -2.67 -10.86 14.05
O61 DMU C . -3.84 -11.09 14.77
C5 DMU C . -4.97 -8.48 10.43
C7 DMU C . -4.47 -7.11 10.15
C8 DMU C . -4.36 -6.19 11.30
C9 DMU C . -4.76 -6.78 12.65
O1 DMU C . -4.39 -8.19 12.88
C10 DMU C . -4.73 -9.08 11.78
O2 DMU C . -3.06 -5.61 11.27
O3 DMU C . -6.29 -8.69 10.16
O4 DMU C . -5.08 -6.48 8.98
C11 DMU C . -4.32 -5.98 13.83
O6 DMU C . -2.98 -6.13 14.02
K K D . -2.78 -2.35 2.49
#